data_9KZ5
#
_entry.id   9KZ5
#
_cell.length_a   59.660
_cell.length_b   42.830
_cell.length_c   76.980
_cell.angle_alpha   90.00
_cell.angle_beta   96.79
_cell.angle_gamma   90.00
#
_symmetry.space_group_name_H-M   'P 1 21 1'
#
loop_
_entity.id
_entity.type
_entity.pdbx_description
1 polymer 'tRNA-uridine aminocarboxypropyltransferase'
2 non-polymer "5'-DEOXY-5'-METHYLTHIOADENOSINE"
3 non-polymer 'ZINC ION'
4 non-polymer 'SULFATE ION'
5 water water
#
_entity_poly.entity_id   1
_entity_poly.type   'polypeptide(L)'
_entity_poly.pdbx_seq_one_letter_code
;RRCQRCLLPEKLCLCSTITPAQAKSRFCLLMFDTEPMKPSNTGRLIADILPDTVAFQWSRTEPSQDLLDLVQNPYYQPMV
VFPASYADEQREVIFTPPAGKPPLFIMLDGTWPEARKMFRKSPYLDNLPVISVDLSRLSAYRLREAQAEGQYCTAEVAIA
LLDMAGDTGAAAGLGEHFTRFKTRYLAGKTQ
;
_entity_poly.pdbx_strand_id   A,B
#
# COMPACT_ATOMS: atom_id res chain seq x y z
N ARG A 2 22.88 11.61 -8.27
CA ARG A 2 22.26 11.57 -6.95
C ARG A 2 23.00 10.62 -6.02
N CYS A 3 23.22 11.07 -4.79
CA CYS A 3 23.76 10.19 -3.75
C CYS A 3 22.73 9.11 -3.41
N GLN A 4 23.24 7.94 -3.03
CA GLN A 4 22.34 6.85 -2.62
C GLN A 4 22.07 6.87 -1.13
N ARG A 5 23.01 7.37 -0.33
CA ARG A 5 22.81 7.43 1.11
C ARG A 5 21.75 8.47 1.47
N CYS A 6 21.93 9.71 1.00
CA CYS A 6 21.07 10.82 1.41
C CYS A 6 20.06 11.23 0.34
N LEU A 7 20.12 10.65 -0.85
CA LEU A 7 19.16 10.87 -1.93
C LEU A 7 19.19 12.30 -2.47
N LEU A 8 20.16 13.11 -2.08
CA LEU A 8 20.30 14.43 -2.65
C LEU A 8 21.32 14.39 -3.79
N PRO A 9 21.17 15.25 -4.80
CA PRO A 9 22.14 15.27 -5.90
C PRO A 9 23.57 15.40 -5.41
N GLU A 10 24.49 14.75 -6.14
CA GLU A 10 25.83 14.52 -5.63
C GLU A 10 26.57 15.81 -5.29
N LYS A 11 26.22 16.92 -5.94
CA LYS A 11 26.85 18.19 -5.63
C LYS A 11 26.36 18.78 -4.31
N LEU A 12 25.34 18.17 -3.68
CA LEU A 12 24.73 18.71 -2.47
C LEU A 12 24.74 17.68 -1.33
N CYS A 13 25.62 16.69 -1.39
CA CYS A 13 25.63 15.62 -0.40
C CYS A 13 25.90 16.17 0.99
N LEU A 14 25.07 15.75 1.96
CA LEU A 14 25.22 16.17 3.35
C LEU A 14 25.73 15.06 4.26
N CYS A 15 26.09 13.89 3.71
CA CYS A 15 26.50 12.77 4.55
C CYS A 15 27.70 13.11 5.42
N SER A 16 28.52 14.07 5.01
CA SER A 16 29.69 14.48 5.79
C SER A 16 29.32 15.30 7.01
N THR A 17 28.10 15.80 7.10
CA THR A 17 27.69 16.67 8.20
C THR A 17 26.89 15.95 9.28
N ILE A 18 26.59 14.67 9.10
CA ILE A 18 25.72 13.97 10.03
C ILE A 18 26.47 13.66 11.32
N THR A 19 25.90 14.07 12.45
CA THR A 19 26.40 13.74 13.77
C THR A 19 25.25 13.29 14.66
N PRO A 20 25.23 12.04 15.09
CA PRO A 20 24.08 11.52 15.84
C PRO A 20 24.06 12.01 17.29
N ALA A 21 22.86 11.97 17.85
CA ALA A 21 22.62 12.35 19.24
C ALA A 21 22.04 11.16 19.99
N GLN A 22 21.90 11.33 21.31
CA GLN A 22 21.39 10.27 22.19
C GLN A 22 20.12 10.75 22.87
N ALA A 23 19.17 9.83 23.02
CA ALA A 23 17.88 10.15 23.62
C ALA A 23 17.37 8.96 24.39
N LYS A 24 16.59 9.24 25.44
CA LYS A 24 15.89 8.17 26.15
C LYS A 24 14.71 7.63 25.34
N SER A 25 14.17 8.43 24.43
CA SER A 25 13.05 8.02 23.60
C SER A 25 13.52 7.17 22.43
N ARG A 26 12.59 6.36 21.91
CA ARG A 26 12.86 5.49 20.77
C ARG A 26 11.69 5.57 19.80
N PHE A 27 11.99 5.45 18.51
CA PHE A 27 10.98 5.55 17.47
C PHE A 27 10.82 4.23 16.73
N CYS A 28 9.60 3.98 16.28
CA CYS A 28 9.26 2.82 15.47
C CYS A 28 8.44 3.30 14.28
N LEU A 29 8.95 3.06 13.08
CA LEU A 29 8.33 3.57 11.85
C LEU A 29 7.52 2.45 11.21
N LEU A 30 6.21 2.66 11.11
CA LEU A 30 5.30 1.70 10.49
C LEU A 30 5.04 2.17 9.06
N MET A 31 5.75 1.56 8.11
CA MET A 31 5.74 2.00 6.73
C MET A 31 4.69 1.25 5.93
N PHE A 32 4.02 1.97 5.02
CA PHE A 32 2.97 1.36 4.21
C PHE A 32 3.50 0.76 2.91
N ASP A 33 4.55 1.34 2.31
CA ASP A 33 5.05 0.84 1.04
C ASP A 33 6.47 0.31 1.11
N THR A 34 7.30 0.84 2.02
CA THR A 34 8.70 0.43 2.16
C THR A 34 9.45 0.53 0.83
N MET A 37 12.62 4.23 -0.92
CA MET A 37 12.06 5.42 -0.29
C MET A 37 12.21 6.65 -1.18
N LYS A 38 11.20 7.51 -1.18
CA LYS A 38 11.22 8.73 -1.96
C LYS A 38 12.10 9.78 -1.27
N PRO A 39 12.72 10.67 -2.05
CA PRO A 39 13.65 11.65 -1.46
C PRO A 39 12.97 12.62 -0.50
N SER A 40 11.70 12.94 -0.73
CA SER A 40 11.00 13.91 0.10
C SER A 40 10.43 13.29 1.37
N ASN A 41 10.55 11.98 1.56
CA ASN A 41 10.12 11.36 2.80
C ASN A 41 11.02 11.81 3.94
N THR A 42 10.42 12.29 5.02
CA THR A 42 11.16 12.88 6.13
C THR A 42 11.35 11.92 7.31
N GLY A 43 10.68 10.77 7.32
CA GLY A 43 10.86 9.83 8.41
C GLY A 43 12.26 9.25 8.45
N ARG A 44 12.92 9.17 7.30
CA ARG A 44 14.27 8.61 7.23
C ARG A 44 15.29 9.50 7.93
N LEU A 45 15.02 10.80 8.02
CA LEU A 45 15.94 11.71 8.71
C LEU A 45 16.03 11.39 10.19
N ILE A 46 15.00 10.76 10.76
CA ILE A 46 15.03 10.42 12.18
C ILE A 46 16.12 9.39 12.46
N ALA A 47 16.24 8.38 11.60
CA ALA A 47 17.27 7.35 11.78
C ALA A 47 18.68 7.93 11.63
N ASP A 48 18.83 9.00 10.85
CA ASP A 48 20.14 9.62 10.69
C ASP A 48 20.66 10.19 12.01
N ILE A 49 19.76 10.65 12.88
CA ILE A 49 20.16 11.28 14.14
C ILE A 49 20.06 10.27 15.28
N LEU A 50 19.16 9.30 15.15
CA LEU A 50 18.96 8.26 16.17
C LEU A 50 19.02 6.90 15.49
N PRO A 51 20.21 6.34 15.32
CA PRO A 51 20.35 5.07 14.57
C PRO A 51 19.67 3.88 15.22
N ASP A 52 19.26 3.96 16.48
CA ASP A 52 18.53 2.86 17.09
C ASP A 52 17.07 2.80 16.64
N THR A 53 16.65 3.71 15.75
CA THR A 53 15.30 3.67 15.20
C THR A 53 15.06 2.37 14.46
N VAL A 54 13.87 1.79 14.65
CA VAL A 54 13.46 0.57 13.98
C VAL A 54 12.35 0.89 13.01
N ALA A 55 12.29 0.13 11.93
CA ALA A 55 11.32 0.36 10.87
C ALA A 55 10.73 -0.97 10.42
N PHE A 56 9.43 -0.95 10.12
CA PHE A 56 8.72 -2.16 9.71
C PHE A 56 7.78 -1.85 8.56
N GLN A 57 7.65 -2.82 7.65
CA GLN A 57 6.65 -2.74 6.59
C GLN A 57 5.30 -3.18 7.12
N TRP A 58 4.28 -2.36 6.92
CA TRP A 58 2.95 -2.69 7.42
C TRP A 58 2.30 -3.77 6.56
N SER A 59 1.66 -4.73 7.24
CA SER A 59 0.93 -5.80 6.58
C SER A 59 -0.45 -5.90 7.20
N ARG A 60 -1.47 -6.04 6.35
CA ARG A 60 -2.85 -6.12 6.83
C ARG A 60 -3.10 -7.44 7.54
N THR A 61 -2.76 -8.55 6.88
CA THR A 61 -3.13 -9.88 7.37
C THR A 61 -2.11 -10.44 8.37
N GLU A 62 -0.84 -10.51 7.97
CA GLU A 62 0.20 -11.16 8.77
C GLU A 62 1.22 -10.14 9.26
N PRO A 63 1.05 -9.58 10.45
CA PRO A 63 2.07 -8.68 10.99
C PRO A 63 3.33 -9.44 11.37
N SER A 64 4.46 -8.74 11.30
CA SER A 64 5.75 -9.34 11.57
C SER A 64 5.89 -9.70 13.05
N GLN A 65 6.57 -10.82 13.31
CA GLN A 65 6.80 -11.23 14.69
C GLN A 65 7.80 -10.33 15.39
N ASP A 66 8.71 -9.71 14.63
CA ASP A 66 9.61 -8.72 15.22
C ASP A 66 8.84 -7.52 15.74
N LEU A 67 7.79 -7.12 15.01
CA LEU A 67 6.99 -5.97 15.41
C LEU A 67 6.16 -6.26 16.65
N LEU A 68 5.56 -7.45 16.71
CA LEU A 68 4.70 -7.78 17.85
C LEU A 68 5.51 -7.96 19.13
N ASP A 69 6.73 -8.48 19.02
CA ASP A 69 7.56 -8.63 20.21
C ASP A 69 8.00 -7.29 20.77
N LEU A 70 8.00 -6.24 19.95
CA LEU A 70 8.45 -4.92 20.40
C LEU A 70 7.34 -4.17 21.12
N VAL A 71 6.16 -4.07 20.50
CA VAL A 71 5.08 -3.29 21.08
C VAL A 71 4.54 -3.91 22.36
N GLN A 72 4.85 -5.18 22.62
CA GLN A 72 4.43 -5.85 23.84
C GLN A 72 5.58 -6.04 24.82
N ASN A 73 6.71 -5.40 24.57
CA ASN A 73 7.84 -5.42 25.49
C ASN A 73 7.54 -4.50 26.67
N PRO A 74 7.35 -5.05 27.87
CA PRO A 74 6.97 -4.21 29.02
C PRO A 74 8.02 -3.18 29.39
N TYR A 75 9.24 -3.33 28.89
CA TYR A 75 10.27 -2.34 29.16
C TYR A 75 9.88 -0.96 28.64
N TYR A 76 9.14 -0.91 27.54
CA TYR A 76 8.72 0.33 26.93
C TYR A 76 7.29 0.68 27.33
N GLN A 77 6.98 1.97 27.28
CA GLN A 77 5.61 2.45 27.32
C GLN A 77 5.23 2.85 25.89
N PRO A 78 4.61 1.97 25.13
CA PRO A 78 4.28 2.27 23.73
C PRO A 78 3.07 3.18 23.63
N MET A 79 3.05 3.97 22.57
CA MET A 79 1.94 4.87 22.31
C MET A 79 1.88 5.17 20.83
N VAL A 80 0.67 5.31 20.31
CA VAL A 80 0.43 5.55 18.90
C VAL A 80 0.38 7.05 18.65
N VAL A 81 1.20 7.54 17.73
CA VAL A 81 1.26 8.95 17.40
C VAL A 81 0.29 9.21 16.25
N PHE A 82 -0.86 9.80 16.57
CA PHE A 82 -1.92 10.07 15.60
C PHE A 82 -2.81 11.16 16.19
N PRO A 83 -3.36 12.06 15.38
CA PRO A 83 -4.13 13.17 15.95
C PRO A 83 -5.36 12.68 16.70
N ALA A 84 -5.63 13.31 17.85
CA ALA A 84 -6.67 12.84 18.75
C ALA A 84 -8.06 12.86 18.12
N SER A 85 -8.25 13.62 17.04
CA SER A 85 -9.57 13.72 16.44
C SER A 85 -10.03 12.38 15.86
N TYR A 86 -9.09 11.50 15.51
CA TYR A 86 -9.41 10.25 14.83
C TYR A 86 -9.71 9.09 15.79
N ALA A 87 -9.74 9.34 17.09
CA ALA A 87 -9.85 8.27 18.07
C ALA A 87 -11.29 8.07 18.53
N ASP A 88 -11.62 6.83 18.88
CA ASP A 88 -12.95 6.49 19.37
C ASP A 88 -13.15 7.02 20.79
N GLU A 89 -14.40 7.07 21.21
CA GLU A 89 -14.75 7.69 22.48
C GLU A 89 -14.20 6.93 23.68
N GLN A 90 -13.88 5.64 23.53
CA GLN A 90 -13.33 4.85 24.60
C GLN A 90 -11.81 4.71 24.51
N ARG A 91 -11.19 5.28 23.48
CA ARG A 91 -9.75 5.16 23.28
C ARG A 91 -9.03 6.12 24.22
N GLU A 92 -8.05 5.59 24.96
CA GLU A 92 -7.28 6.41 25.88
C GLU A 92 -6.40 7.38 25.10
N VAL A 93 -6.52 8.67 25.40
CA VAL A 93 -5.76 9.73 24.75
C VAL A 93 -5.00 10.51 25.81
N ILE A 94 -3.72 10.74 25.58
CA ILE A 94 -2.87 11.50 26.49
C ILE A 94 -2.19 12.63 25.72
N PHE A 95 -1.68 13.59 26.47
CA PHE A 95 -1.08 14.80 25.90
C PHE A 95 0.38 15.00 26.31
N THR A 96 0.98 14.03 27.00
CA THR A 96 2.38 14.11 27.39
C THR A 96 2.90 12.69 27.55
N PRO A 97 4.19 12.45 27.37
CA PRO A 97 4.75 11.12 27.62
C PRO A 97 5.15 10.96 29.08
N PRO A 98 4.48 10.07 29.83
CA PRO A 98 4.65 9.80 31.26
C PRO A 98 6.09 9.88 31.76
N GLY A 100 8.02 7.54 33.67
CA GLY A 100 9.00 6.55 34.10
C GLY A 100 9.52 5.70 32.96
N LYS A 101 8.66 4.82 32.45
CA LYS A 101 9.07 3.93 31.37
C LYS A 101 9.42 4.73 30.12
N PRO A 102 10.55 4.46 29.48
CA PRO A 102 10.93 5.20 28.28
C PRO A 102 9.90 5.02 27.18
N PRO A 103 9.50 6.10 26.50
CA PRO A 103 8.48 5.99 25.47
C PRO A 103 8.99 5.30 24.21
N LEU A 104 8.08 4.59 23.55
CA LEU A 104 8.31 4.01 22.24
C LEU A 104 7.28 4.63 21.31
N PHE A 105 7.70 5.63 20.52
CA PHE A 105 6.78 6.36 19.66
C PHE A 105 6.57 5.60 18.35
N ILE A 106 5.34 5.21 18.08
CA ILE A 106 4.99 4.41 16.91
C ILE A 106 4.40 5.37 15.88
N MET A 107 5.14 5.63 14.80
CA MET A 107 4.72 6.53 13.75
C MET A 107 4.09 5.76 12.59
N LEU A 108 3.08 6.36 11.96
CA LEU A 108 2.37 5.76 10.84
C LEU A 108 2.76 6.55 9.59
N ASP A 109 3.77 6.06 8.87
CA ASP A 109 4.33 6.77 7.73
C ASP A 109 3.59 6.44 6.45
N GLY A 110 3.35 7.46 5.63
CA GLY A 110 2.55 7.33 4.43
C GLY A 110 1.62 8.51 4.30
N THR A 111 0.86 8.57 3.21
CA THR A 111 -0.08 9.66 3.04
C THR A 111 -1.24 9.53 4.03
N TRP A 112 -2.01 10.60 4.15
CA TRP A 112 -3.10 10.62 5.13
C TRP A 112 -4.17 9.57 4.88
N PRO A 113 -4.61 9.30 3.64
CA PRO A 113 -5.52 8.16 3.44
C PRO A 113 -4.92 6.82 3.85
N GLU A 114 -3.60 6.66 3.74
CA GLU A 114 -2.97 5.39 4.10
C GLU A 114 -2.72 5.30 5.60
N ALA A 115 -2.30 6.39 6.23
CA ALA A 115 -2.10 6.40 7.67
C ALA A 115 -3.41 6.19 8.42
N ARG A 116 -4.53 6.65 7.84
CA ARG A 116 -5.83 6.38 8.43
C ARG A 116 -6.19 4.90 8.33
N LYS A 117 -5.89 4.28 7.19
CA LYS A 117 -6.16 2.86 7.03
C LYS A 117 -5.29 2.02 7.96
N MET A 118 -4.01 2.40 8.11
CA MET A 118 -3.15 1.71 9.07
C MET A 118 -3.64 1.93 10.49
N PHE A 119 -4.17 3.11 10.78
CA PHE A 119 -4.70 3.38 12.12
C PHE A 119 -5.95 2.56 12.42
N ARG A 120 -6.75 2.25 11.39
CA ARG A 120 -8.07 1.66 11.59
C ARG A 120 -8.08 0.14 11.52
N LYS A 121 -7.05 -0.49 10.95
CA LYS A 121 -7.10 -1.91 10.63
C LYS A 121 -5.91 -2.68 11.20
N SER A 122 -5.37 -2.26 12.34
CA SER A 122 -4.26 -2.96 12.99
C SER A 122 -4.67 -3.35 14.40
N PRO A 123 -5.15 -4.58 14.61
CA PRO A 123 -5.61 -4.95 15.97
C PRO A 123 -4.52 -4.90 17.03
N TYR A 124 -3.24 -4.98 16.65
CA TYR A 124 -2.17 -5.00 17.63
C TYR A 124 -1.83 -3.62 18.19
N LEU A 125 -2.45 -2.56 17.67
CA LEU A 125 -2.26 -1.22 18.20
C LEU A 125 -3.48 -0.70 18.95
N ASP A 126 -4.58 -1.47 18.98
CA ASP A 126 -5.86 -0.93 19.44
C ASP A 126 -5.90 -0.70 20.94
N ASN A 127 -5.12 -1.46 21.71
CA ASN A 127 -5.10 -1.28 23.16
C ASN A 127 -4.05 -0.26 23.61
N LEU A 128 -3.35 0.39 22.68
CA LEU A 128 -2.31 1.32 23.06
C LEU A 128 -2.87 2.74 23.13
N PRO A 129 -2.34 3.57 24.04
CA PRO A 129 -2.83 4.95 24.14
C PRO A 129 -2.39 5.78 22.94
N VAL A 130 -3.18 6.80 22.65
CA VAL A 130 -2.88 7.75 21.59
C VAL A 130 -2.32 9.01 22.23
N ILE A 131 -1.30 9.58 21.60
CA ILE A 131 -0.65 10.79 22.09
C ILE A 131 -0.86 11.90 21.06
N SER A 132 -1.46 13.00 21.48
CA SER A 132 -1.69 14.15 20.61
C SER A 132 -0.53 15.12 20.77
N VAL A 133 -0.04 15.63 19.64
CA VAL A 133 1.25 16.31 19.57
C VAL A 133 1.07 17.80 19.82
N ASP A 134 1.88 18.34 20.72
CA ASP A 134 1.92 19.78 21.00
C ASP A 134 2.94 20.41 20.05
N LEU A 135 2.46 20.80 18.87
CA LEU A 135 3.35 21.36 17.86
C LEU A 135 3.80 22.78 18.18
N SER A 136 3.28 23.38 19.25
CA SER A 136 3.74 24.70 19.66
C SER A 136 5.20 24.70 20.10
N ARG A 137 5.75 23.53 20.44
CA ARG A 137 7.13 23.46 20.91
C ARG A 137 8.15 23.61 19.80
N LEU A 138 7.71 23.68 18.54
CA LEU A 138 8.65 23.91 17.44
C LEU A 138 9.21 25.33 17.45
N SER A 139 8.62 26.24 18.22
CA SER A 139 9.12 27.61 18.28
C SER A 139 10.50 27.68 18.90
N ALA A 140 10.75 26.87 19.94
CA ALA A 140 12.03 26.87 20.63
C ALA A 140 13.17 26.40 19.74
N TYR A 141 12.88 25.78 18.60
CA TYR A 141 13.90 25.37 17.65
C TYR A 141 13.77 26.12 16.32
N ARG A 142 13.01 27.22 16.32
CA ARG A 142 12.95 28.15 15.20
C ARG A 142 12.40 27.50 13.93
N LEU A 143 11.35 26.70 14.10
CA LEU A 143 10.64 26.10 12.98
C LEU A 143 9.19 26.58 13.00
N ARG A 144 8.59 26.66 11.82
CA ARG A 144 7.24 27.19 11.67
C ARG A 144 6.23 26.43 12.52
N GLN A 151 0.38 20.26 6.08
CA GLN A 151 0.40 20.01 7.52
C GLN A 151 1.83 20.02 8.04
N TYR A 152 2.17 18.99 8.83
CA TYR A 152 3.53 18.84 9.37
C TYR A 152 4.00 17.42 9.08
N CYS A 153 5.22 17.30 8.59
CA CYS A 153 5.74 16.02 8.17
C CYS A 153 6.16 15.18 9.37
N THR A 154 6.55 13.94 9.10
CA THR A 154 6.91 13.00 10.15
C THR A 154 8.09 13.51 10.98
N ALA A 155 9.02 14.22 10.34
CA ALA A 155 10.21 14.70 11.04
C ALA A 155 9.87 15.85 12.00
N GLU A 156 9.00 16.77 11.57
CA GLU A 156 8.66 17.89 12.43
C GLU A 156 7.92 17.41 13.68
N VAL A 157 7.05 16.42 13.54
CA VAL A 157 6.36 15.85 14.69
C VAL A 157 7.35 15.19 15.64
N ALA A 158 8.37 14.52 15.09
CA ALA A 158 9.35 13.84 15.92
C ALA A 158 10.14 14.81 16.77
N ILE A 159 10.49 15.97 16.22
CA ILE A 159 11.19 16.99 16.99
C ILE A 159 10.34 17.44 18.17
N ALA A 160 9.04 17.62 17.94
CA ALA A 160 8.15 18.03 19.02
C ALA A 160 8.04 16.97 20.11
N LEU A 161 8.07 15.69 19.72
CA LEU A 161 7.97 14.61 20.70
C LEU A 161 9.22 14.52 21.55
N LEU A 162 10.41 14.68 20.93
CA LEU A 162 11.66 14.63 21.68
C LEU A 162 11.72 15.75 22.71
N ASP A 163 11.26 16.95 22.35
CA ASP A 163 11.22 18.04 23.32
C ASP A 163 10.21 17.76 24.43
N MET A 164 9.08 17.14 24.09
CA MET A 164 8.07 16.81 25.09
C MET A 164 8.59 15.85 26.14
N ALA A 165 9.62 15.06 25.82
CA ALA A 165 10.12 14.04 26.72
C ALA A 165 11.42 14.43 27.42
N GLY A 166 11.88 15.66 27.23
CA GLY A 166 13.10 16.12 27.87
C GLY A 166 14.37 15.86 27.09
N ASP A 167 14.29 15.40 25.85
CA ASP A 167 15.45 15.20 24.99
C ASP A 167 15.64 16.45 24.14
N THR A 168 16.27 17.47 24.73
CA THR A 168 16.57 18.71 24.00
C THR A 168 17.80 18.57 23.11
N GLY A 169 18.79 17.80 23.52
CA GLY A 169 19.97 17.62 22.67
C GLY A 169 19.63 16.96 21.35
N ALA A 170 18.82 15.89 21.41
CA ALA A 170 18.42 15.20 20.19
C ALA A 170 17.40 15.99 19.39
N ALA A 171 16.55 16.76 20.07
CA ALA A 171 15.57 17.57 19.35
C ALA A 171 16.25 18.69 18.56
N ALA A 172 17.26 19.33 19.15
CA ALA A 172 17.99 20.38 18.43
C ALA A 172 18.74 19.80 17.25
N GLY A 173 19.32 18.60 17.42
CA GLY A 173 20.07 17.99 16.33
C GLY A 173 19.20 17.68 15.13
N LEU A 174 18.05 17.06 15.37
CA LEU A 174 17.15 16.74 14.26
C LEU A 174 16.65 17.99 13.56
N GLY A 175 16.50 19.09 14.31
CA GLY A 175 16.04 20.33 13.69
C GLY A 175 17.05 20.91 12.72
N GLU A 176 18.33 20.92 13.11
CA GLU A 176 19.37 21.43 12.22
C GLU A 176 19.56 20.51 11.03
N HIS A 177 19.48 19.19 11.24
CA HIS A 177 19.60 18.25 10.14
C HIS A 177 18.43 18.38 9.18
N PHE A 178 17.21 18.48 9.71
CA PHE A 178 16.03 18.64 8.86
C PHE A 178 16.10 19.95 8.07
N THR A 179 16.46 21.04 8.75
CA THR A 179 16.63 22.31 8.06
C THR A 179 17.70 22.22 7.00
N ARG A 180 18.82 21.56 7.32
CA ARG A 180 19.89 21.38 6.33
C ARG A 180 19.38 20.62 5.11
N PHE A 181 18.54 19.61 5.31
CA PHE A 181 18.06 18.83 4.18
C PHE A 181 17.08 19.63 3.33
N LYS A 182 16.12 20.29 3.97
CA LYS A 182 15.10 21.03 3.22
C LYS A 182 15.73 22.08 2.32
N THR A 183 16.80 22.74 2.80
CA THR A 183 17.45 23.78 2.00
C THR A 183 18.13 23.20 0.77
N ARG A 184 18.92 22.13 0.95
CA ARG A 184 19.57 21.50 -0.18
C ARG A 184 18.57 20.86 -1.13
N TYR A 185 17.38 20.49 -0.64
CA TYR A 185 16.36 19.92 -1.50
C TYR A 185 15.76 20.99 -2.41
N LEU A 186 15.44 22.16 -1.86
CA LEU A 186 14.91 23.24 -2.67
C LEU A 186 15.93 23.72 -3.70
N ALA A 187 17.19 23.87 -3.28
CA ALA A 187 18.22 24.35 -4.19
C ALA A 187 18.52 23.32 -5.27
N GLY A 188 18.36 22.03 -4.97
CA GLY A 188 18.56 21.01 -5.99
C GLY A 188 17.54 21.09 -7.11
N LYS A 189 16.32 21.55 -6.79
CA LYS A 189 15.29 21.71 -7.82
C LYS A 189 15.65 22.83 -8.79
N THR A 190 16.42 23.82 -8.34
CA THR A 190 16.78 24.95 -9.19
C THR A 190 17.68 24.53 -10.35
N ARG B 1 2.81 15.22 -5.25
CA ARG B 1 3.73 15.11 -6.38
C ARG B 1 3.34 13.95 -7.28
N ARG B 2 2.39 13.14 -6.82
CA ARG B 2 1.96 11.94 -7.52
C ARG B 2 0.55 12.13 -8.08
N CYS B 3 0.35 11.63 -9.30
CA CYS B 3 -0.98 11.68 -9.90
C CYS B 3 -1.94 10.81 -9.11
N GLN B 4 -3.17 11.29 -8.96
CA GLN B 4 -4.16 10.56 -8.17
C GLN B 4 -4.84 9.47 -8.97
N ARG B 5 -4.88 9.60 -10.30
CA ARG B 5 -5.63 8.66 -11.12
C ARG B 5 -4.80 7.47 -11.58
N CYS B 6 -3.49 7.64 -11.78
CA CYS B 6 -2.63 6.55 -12.21
C CYS B 6 -1.55 6.19 -11.19
N LEU B 7 -1.42 6.96 -10.11
CA LEU B 7 -0.56 6.62 -8.97
C LEU B 7 0.93 6.60 -9.34
N LEU B 8 1.31 7.32 -10.37
CA LEU B 8 2.71 7.50 -10.74
C LEU B 8 3.14 8.95 -10.49
N PRO B 9 4.44 9.20 -10.33
CA PRO B 9 4.90 10.59 -10.22
C PRO B 9 4.39 11.43 -11.38
N GLU B 10 3.94 12.66 -11.07
CA GLU B 10 3.29 13.52 -12.05
C GLU B 10 4.14 13.75 -13.30
N LYS B 11 5.45 13.64 -13.19
CA LYS B 11 6.33 13.72 -14.36
C LYS B 11 6.22 12.47 -15.24
N LEU B 12 5.66 11.38 -14.73
CA LEU B 12 5.51 10.14 -15.48
C LEU B 12 4.04 9.78 -15.69
N CYS B 13 3.14 10.75 -15.59
CA CYS B 13 1.72 10.48 -15.73
C CYS B 13 1.39 9.96 -17.13
N LEU B 14 0.60 8.89 -17.19
CA LEU B 14 0.23 8.26 -18.45
C LEU B 14 -1.25 8.40 -18.77
N CYS B 15 -1.98 9.25 -18.03
CA CYS B 15 -3.43 9.31 -18.19
C CYS B 15 -3.84 9.77 -19.58
N SER B 16 -3.00 10.56 -20.25
CA SER B 16 -3.31 11.05 -21.59
C SER B 16 -3.18 9.97 -22.66
N THR B 17 -2.59 8.83 -22.34
CA THR B 17 -2.34 7.79 -23.33
C THR B 17 -3.38 6.67 -23.32
N ILE B 18 -4.35 6.73 -22.43
CA ILE B 18 -5.28 5.61 -22.23
C ILE B 18 -6.33 5.63 -23.33
N THR B 19 -6.38 4.56 -24.12
CA THR B 19 -7.41 4.35 -25.14
C THR B 19 -8.17 3.08 -24.80
N PRO B 20 -9.47 3.14 -24.56
CA PRO B 20 -10.22 1.93 -24.19
C PRO B 20 -10.39 0.99 -25.36
N ALA B 21 -10.70 -0.26 -25.03
CA ALA B 21 -11.00 -1.30 -25.99
C ALA B 21 -12.38 -1.88 -25.69
N GLN B 22 -12.80 -2.84 -26.52
CA GLN B 22 -14.08 -3.50 -26.35
C GLN B 22 -13.88 -5.01 -26.38
N ALA B 23 -14.64 -5.71 -25.54
CA ALA B 23 -14.47 -7.15 -25.39
C ALA B 23 -15.79 -7.80 -25.04
N LYS B 24 -15.97 -9.04 -25.50
CA LYS B 24 -17.17 -9.80 -25.13
C LYS B 24 -17.12 -10.25 -23.68
N SER B 25 -15.92 -10.47 -23.14
CA SER B 25 -15.76 -10.90 -21.76
C SER B 25 -15.93 -9.73 -20.80
N ARG B 26 -16.26 -10.06 -19.55
CA ARG B 26 -16.37 -9.07 -18.50
C ARG B 26 -15.64 -9.55 -17.25
N PHE B 27 -15.14 -8.60 -16.47
CA PHE B 27 -14.34 -8.88 -15.30
C PHE B 27 -15.04 -8.37 -14.04
N CYS B 28 -14.85 -9.11 -12.95
CA CYS B 28 -15.40 -8.75 -11.64
C CYS B 28 -14.30 -8.95 -10.60
N LEU B 29 -13.80 -7.85 -10.04
CA LEU B 29 -12.69 -7.90 -9.10
C LEU B 29 -13.21 -7.96 -7.67
N LEU B 30 -12.95 -9.07 -6.99
CA LEU B 30 -13.29 -9.22 -5.58
C LEU B 30 -12.05 -8.85 -4.77
N MET B 31 -12.10 -7.72 -4.09
CA MET B 31 -10.94 -7.15 -3.42
C MET B 31 -11.06 -7.28 -1.92
N PHE B 32 -9.90 -7.32 -1.25
CA PHE B 32 -9.84 -7.56 0.19
C PHE B 32 -9.89 -6.27 1.00
N ASP B 33 -9.41 -5.16 0.46
CA ASP B 33 -9.43 -3.88 1.15
C ASP B 33 -9.16 -2.78 0.13
N THR B 34 -9.18 -1.53 0.59
CA THR B 34 -8.88 -0.39 -0.26
C THR B 34 -7.49 0.15 0.04
N MET B 37 -5.08 2.47 -1.98
CA MET B 37 -4.54 1.47 -2.89
C MET B 37 -3.03 1.61 -3.06
N LYS B 38 -2.35 0.47 -3.15
CA LYS B 38 -0.90 0.43 -3.39
C LYS B 38 -0.61 0.53 -4.89
N PRO B 39 0.36 1.35 -5.28
CA PRO B 39 0.61 1.58 -6.71
C PRO B 39 0.95 0.31 -7.48
N SER B 40 1.69 -0.62 -6.87
CA SER B 40 2.08 -1.85 -7.56
C SER B 40 0.91 -2.80 -7.78
N ASN B 41 -0.29 -2.45 -7.34
CA ASN B 41 -1.46 -3.29 -7.55
C ASN B 41 -1.97 -3.09 -8.97
N THR B 42 -2.08 -4.18 -9.73
CA THR B 42 -2.29 -4.12 -11.16
C THR B 42 -3.75 -4.31 -11.59
N GLY B 43 -4.64 -4.71 -10.67
CA GLY B 43 -6.03 -4.95 -11.02
C GLY B 43 -6.74 -3.73 -11.58
N ARG B 44 -6.30 -2.54 -11.21
CA ARG B 44 -6.90 -1.31 -11.72
C ARG B 44 -6.60 -1.06 -13.19
N LEU B 45 -5.50 -1.61 -13.71
CA LEU B 45 -5.20 -1.45 -15.13
C LEU B 45 -6.27 -2.07 -15.99
N ILE B 46 -6.94 -3.11 -15.49
CA ILE B 46 -8.02 -3.75 -16.25
C ILE B 46 -9.16 -2.77 -16.48
N ALA B 47 -9.51 -1.99 -15.45
CA ALA B 47 -10.59 -1.02 -15.59
C ALA B 47 -10.23 0.10 -16.55
N ASP B 48 -8.93 0.38 -16.73
CA ASP B 48 -8.54 1.43 -17.67
C ASP B 48 -8.86 1.05 -19.11
N ILE B 49 -8.68 -0.22 -19.46
CA ILE B 49 -8.94 -0.67 -20.83
C ILE B 49 -10.36 -1.20 -21.00
N LEU B 50 -10.97 -1.73 -19.93
CA LEU B 50 -12.34 -2.26 -19.97
C LEU B 50 -13.15 -1.58 -18.88
N PRO B 51 -13.70 -0.39 -19.16
CA PRO B 51 -14.33 0.40 -18.09
C PRO B 51 -15.61 -0.17 -17.53
N ASP B 52 -16.18 -1.22 -18.11
CA ASP B 52 -17.35 -1.85 -17.51
C ASP B 52 -16.99 -2.87 -16.45
N THR B 53 -15.72 -2.95 -16.07
CA THR B 53 -15.30 -3.80 -14.96
C THR B 53 -15.98 -3.35 -13.68
N VAL B 54 -16.33 -4.33 -12.83
CA VAL B 54 -16.95 -4.06 -11.54
C VAL B 54 -16.04 -4.59 -10.45
N ALA B 55 -15.96 -3.86 -9.33
CA ALA B 55 -15.11 -4.24 -8.21
C ALA B 55 -15.92 -4.22 -6.93
N PHE B 56 -15.67 -5.19 -6.05
CA PHE B 56 -16.36 -5.30 -4.78
C PHE B 56 -15.35 -5.54 -3.67
N GLN B 57 -15.67 -5.04 -2.48
CA GLN B 57 -14.89 -5.34 -1.29
C GLN B 57 -15.37 -6.65 -0.69
N TRP B 58 -14.44 -7.55 -0.41
CA TRP B 58 -14.81 -8.84 0.14
C TRP B 58 -15.34 -8.69 1.56
N SER B 59 -16.19 -9.64 1.95
CA SER B 59 -16.76 -9.66 3.29
C SER B 59 -16.94 -11.11 3.71
N ARG B 60 -16.46 -11.44 4.90
CA ARG B 60 -16.60 -12.82 5.37
C ARG B 60 -18.04 -13.11 5.80
N THR B 61 -18.72 -12.13 6.39
CA THR B 61 -20.05 -12.32 6.95
C THR B 61 -21.15 -11.92 5.96
N GLU B 62 -21.14 -10.66 5.50
CA GLU B 62 -22.25 -10.09 4.74
C GLU B 62 -21.78 -9.67 3.35
N PRO B 63 -21.93 -10.52 2.34
CA PRO B 63 -21.68 -10.09 0.96
C PRO B 63 -22.74 -9.10 0.49
N SER B 64 -22.36 -8.28 -0.48
CA SER B 64 -23.28 -7.30 -1.03
C SER B 64 -24.33 -7.97 -1.91
N GLN B 65 -25.47 -7.29 -2.07
CA GLN B 65 -26.52 -7.79 -2.94
C GLN B 65 -26.27 -7.43 -4.41
N ASP B 66 -25.48 -6.40 -4.68
CA ASP B 66 -25.05 -6.14 -6.05
C ASP B 66 -24.13 -7.24 -6.54
N LEU B 67 -23.33 -7.82 -5.64
CA LEU B 67 -22.44 -8.92 -5.99
C LEU B 67 -23.19 -10.23 -6.13
N LEU B 68 -24.18 -10.48 -5.26
CA LEU B 68 -24.91 -11.73 -5.30
C LEU B 68 -25.83 -11.79 -6.52
N ASP B 69 -26.45 -10.68 -6.89
CA ASP B 69 -27.31 -10.65 -8.07
C ASP B 69 -26.53 -10.79 -9.37
N LEU B 70 -25.25 -10.41 -9.37
CA LEU B 70 -24.47 -10.46 -10.60
C LEU B 70 -23.94 -11.87 -10.87
N VAL B 71 -23.51 -12.58 -9.83
CA VAL B 71 -23.05 -13.96 -10.00
C VAL B 71 -24.18 -14.95 -10.11
N GLN B 72 -25.43 -14.48 -10.12
CA GLN B 72 -26.58 -15.33 -10.38
C GLN B 72 -27.39 -14.86 -11.58
N ASN B 73 -26.96 -13.81 -12.26
CA ASN B 73 -27.61 -13.34 -13.48
C ASN B 73 -27.36 -14.33 -14.59
N PRO B 74 -28.38 -15.07 -15.07
CA PRO B 74 -28.14 -16.10 -16.08
C PRO B 74 -27.72 -15.56 -17.43
N TYR B 75 -27.57 -14.24 -17.59
CA TYR B 75 -27.02 -13.71 -18.83
C TYR B 75 -25.56 -14.09 -19.01
N TYR B 76 -24.83 -14.29 -17.91
CA TYR B 76 -23.41 -14.57 -17.94
C TYR B 76 -23.13 -16.03 -17.64
N GLN B 77 -21.91 -16.45 -17.97
CA GLN B 77 -21.36 -17.71 -17.49
C GLN B 77 -20.21 -17.37 -16.54
N PRO B 78 -20.37 -17.52 -15.22
CA PRO B 78 -19.35 -17.04 -14.29
C PRO B 78 -18.32 -18.11 -13.96
N MET B 79 -17.06 -17.68 -13.83
CA MET B 79 -15.95 -18.56 -13.53
C MET B 79 -15.10 -17.94 -12.43
N VAL B 80 -14.59 -18.79 -11.54
CA VAL B 80 -13.65 -18.36 -10.50
C VAL B 80 -12.24 -18.60 -11.03
N VAL B 81 -11.49 -17.53 -11.25
CA VAL B 81 -10.14 -17.61 -11.79
C VAL B 81 -9.21 -17.95 -10.62
N PHE B 82 -8.77 -19.19 -10.55
CA PHE B 82 -7.92 -19.65 -9.45
C PHE B 82 -7.17 -20.89 -9.91
N PRO B 83 -5.96 -21.13 -9.40
CA PRO B 83 -5.24 -22.36 -9.78
C PRO B 83 -6.00 -23.59 -9.33
N ALA B 84 -6.20 -24.52 -10.27
CA ALA B 84 -7.03 -25.70 -10.04
C ALA B 84 -6.49 -26.61 -8.94
N SER B 85 -5.23 -26.44 -8.53
CA SER B 85 -4.64 -27.33 -7.55
C SER B 85 -5.32 -27.22 -6.19
N TYR B 86 -5.97 -26.09 -5.90
CA TYR B 86 -6.54 -25.83 -4.59
C TYR B 86 -8.03 -26.16 -4.51
N ALA B 87 -8.56 -26.91 -5.47
CA ALA B 87 -9.98 -27.19 -5.55
C ALA B 87 -10.32 -28.53 -4.92
N ASP B 88 -11.54 -28.65 -4.41
CA ASP B 88 -12.05 -29.93 -3.95
C ASP B 88 -12.18 -30.90 -5.12
N GLU B 89 -12.10 -32.19 -4.81
CA GLU B 89 -12.12 -33.20 -5.86
C GLU B 89 -13.45 -33.26 -6.60
N GLN B 90 -14.53 -32.78 -5.99
CA GLN B 90 -15.83 -32.71 -6.65
C GLN B 90 -16.04 -31.41 -7.40
N ARG B 91 -15.08 -30.50 -7.38
CA ARG B 91 -15.25 -29.18 -7.96
C ARG B 91 -14.98 -29.21 -9.46
N GLU B 92 -15.93 -28.70 -10.24
CA GLU B 92 -15.77 -28.66 -11.69
C GLU B 92 -14.65 -27.70 -12.07
N VAL B 93 -13.74 -28.17 -12.93
CA VAL B 93 -12.60 -27.39 -13.40
C VAL B 93 -12.62 -27.36 -14.92
N ILE B 94 -12.31 -26.20 -15.50
CA ILE B 94 -12.31 -26.02 -16.94
C ILE B 94 -11.03 -25.33 -17.37
N PHE B 95 -10.66 -25.56 -18.63
CA PHE B 95 -9.44 -25.00 -19.21
C PHE B 95 -9.74 -24.06 -20.38
N THR B 96 -11.00 -23.70 -20.58
CA THR B 96 -11.39 -22.82 -21.68
C THR B 96 -12.76 -22.24 -21.40
N PRO B 97 -13.02 -20.98 -21.75
CA PRO B 97 -14.36 -20.43 -21.55
C PRO B 97 -15.33 -20.98 -22.60
N PRO B 98 -16.50 -21.45 -22.18
CA PRO B 98 -17.45 -22.05 -23.13
C PRO B 98 -17.98 -21.06 -24.16
N ALA B 99 -18.87 -21.53 -25.03
CA ALA B 99 -19.44 -20.73 -26.09
C ALA B 99 -20.88 -20.34 -25.74
N GLY B 100 -21.38 -19.34 -26.45
CA GLY B 100 -22.72 -18.84 -26.20
C GLY B 100 -22.76 -17.74 -25.17
N LYS B 101 -22.98 -18.11 -23.91
CA LYS B 101 -23.09 -17.10 -22.85
C LYS B 101 -21.74 -16.38 -22.67
N PRO B 102 -21.76 -15.05 -22.55
CA PRO B 102 -20.49 -14.33 -22.41
C PRO B 102 -19.86 -14.63 -21.06
N PRO B 103 -18.52 -14.67 -21.00
CA PRO B 103 -17.85 -15.04 -19.76
C PRO B 103 -17.80 -13.90 -18.75
N LEU B 104 -17.86 -14.27 -17.48
CA LEU B 104 -17.72 -13.34 -16.36
C LEU B 104 -16.62 -13.90 -15.47
N PHE B 105 -15.43 -13.28 -15.53
CA PHE B 105 -14.27 -13.77 -14.80
C PHE B 105 -14.22 -13.15 -13.41
N ILE B 106 -14.28 -13.99 -12.38
CA ILE B 106 -14.23 -13.56 -10.99
C ILE B 106 -12.79 -13.66 -10.52
N MET B 107 -12.14 -12.52 -10.30
CA MET B 107 -10.74 -12.47 -9.90
C MET B 107 -10.64 -12.27 -8.39
N LEU B 108 -9.69 -12.97 -7.77
CA LEU B 108 -9.39 -12.80 -6.36
C LEU B 108 -8.12 -11.96 -6.27
N ASP B 109 -8.29 -10.66 -6.03
CA ASP B 109 -7.17 -9.74 -6.01
C ASP B 109 -6.69 -9.51 -4.58
N GLY B 110 -5.39 -9.66 -4.37
CA GLY B 110 -4.81 -9.51 -3.04
C GLY B 110 -3.49 -10.26 -2.96
N THR B 111 -3.12 -10.60 -1.74
CA THR B 111 -1.98 -11.47 -1.52
C THR B 111 -2.45 -12.93 -1.50
N TRP B 112 -1.52 -13.84 -1.79
CA TRP B 112 -1.85 -15.26 -1.91
C TRP B 112 -2.49 -15.84 -0.65
N PRO B 113 -2.10 -15.40 0.55
CA PRO B 113 -2.89 -15.79 1.73
C PRO B 113 -4.29 -15.21 1.74
N GLU B 114 -4.51 -14.03 1.15
CA GLU B 114 -5.83 -13.43 1.16
C GLU B 114 -6.72 -14.03 0.09
N ALA B 115 -6.18 -14.30 -1.09
CA ALA B 115 -6.95 -14.98 -2.12
C ALA B 115 -7.33 -16.40 -1.70
N ARG B 116 -6.46 -17.06 -0.94
CA ARG B 116 -6.79 -18.40 -0.46
C ARG B 116 -7.93 -18.36 0.55
N LYS B 117 -7.92 -17.37 1.45
CA LYS B 117 -9.00 -17.25 2.43
C LYS B 117 -10.33 -16.98 1.74
N MET B 118 -10.33 -16.07 0.75
CA MET B 118 -11.55 -15.77 0.03
C MET B 118 -12.05 -17.00 -0.75
N PHE B 119 -11.12 -17.79 -1.29
CA PHE B 119 -11.52 -18.96 -2.08
C PHE B 119 -12.25 -19.98 -1.23
N ARG B 120 -11.90 -20.08 0.05
CA ARG B 120 -12.48 -21.10 0.93
C ARG B 120 -13.73 -20.65 1.65
N LYS B 121 -13.86 -19.35 1.95
CA LYS B 121 -14.90 -18.86 2.84
C LYS B 121 -16.02 -18.14 2.12
N SER B 122 -16.18 -18.37 0.81
CA SER B 122 -17.26 -17.75 0.04
C SER B 122 -18.23 -18.82 -0.42
N PRO B 123 -19.29 -19.10 0.34
CA PRO B 123 -20.25 -20.13 -0.08
C PRO B 123 -20.99 -19.77 -1.36
N TYR B 124 -21.10 -18.49 -1.69
CA TYR B 124 -21.76 -18.07 -2.93
C TYR B 124 -20.92 -18.33 -4.17
N LEU B 125 -19.68 -18.81 -4.01
CA LEU B 125 -18.81 -19.09 -5.14
C LEU B 125 -18.57 -20.58 -5.37
N ASP B 126 -19.01 -21.45 -4.46
CA ASP B 126 -18.59 -22.85 -4.50
C ASP B 126 -19.32 -23.67 -5.56
N ASN B 127 -20.48 -23.23 -6.02
CA ASN B 127 -21.19 -23.96 -7.07
C ASN B 127 -20.76 -23.55 -8.47
N LEU B 128 -19.82 -22.63 -8.58
CA LEU B 128 -19.28 -22.12 -9.84
C LEU B 128 -18.04 -22.91 -10.27
N PRO B 129 -17.80 -23.00 -11.57
CA PRO B 129 -16.60 -23.71 -12.03
C PRO B 129 -15.34 -22.88 -11.86
N VAL B 130 -14.22 -23.58 -11.70
CA VAL B 130 -12.91 -22.97 -11.63
C VAL B 130 -12.22 -23.11 -12.98
N ILE B 131 -11.78 -21.99 -13.55
CA ILE B 131 -11.11 -21.98 -14.84
C ILE B 131 -9.61 -21.95 -14.62
N SER B 132 -8.89 -22.82 -15.31
CA SER B 132 -7.44 -22.89 -15.24
C SER B 132 -6.85 -22.09 -16.40
N VAL B 133 -6.00 -21.13 -16.08
CA VAL B 133 -5.52 -20.15 -17.05
C VAL B 133 -4.33 -20.71 -17.83
N ASP B 134 -4.36 -20.50 -19.14
CA ASP B 134 -3.30 -20.93 -20.05
C ASP B 134 -2.36 -19.73 -20.27
N LEU B 135 -1.30 -19.67 -19.48
CA LEU B 135 -0.41 -18.52 -19.48
C LEU B 135 0.59 -18.53 -20.63
N SER B 136 0.75 -19.65 -21.34
CA SER B 136 1.65 -19.67 -22.49
C SER B 136 1.18 -18.74 -23.60
N ARG B 137 -0.09 -18.30 -23.55
CA ARG B 137 -0.61 -17.38 -24.55
C ARG B 137 0.00 -15.99 -24.45
N LEU B 138 0.69 -15.68 -23.35
CA LEU B 138 1.36 -14.38 -23.23
C LEU B 138 2.46 -14.20 -24.25
N SER B 139 2.95 -15.28 -24.87
CA SER B 139 4.02 -15.17 -25.85
C SER B 139 3.57 -14.36 -27.07
N ALA B 140 2.31 -14.51 -27.46
CA ALA B 140 1.78 -13.76 -28.61
C ALA B 140 1.75 -12.26 -28.37
N TYR B 141 2.02 -11.82 -27.15
CA TYR B 141 2.04 -10.39 -26.83
C TYR B 141 3.39 -9.98 -26.25
N ARG B 142 4.42 -10.81 -26.45
CA ARG B 142 5.80 -10.48 -26.11
C ARG B 142 5.94 -10.18 -24.61
N LEU B 143 5.22 -10.94 -23.80
CA LEU B 143 5.29 -10.82 -22.35
C LEU B 143 5.66 -12.18 -21.77
N ARG B 144 6.57 -12.17 -20.80
CA ARG B 144 7.14 -13.38 -20.24
C ARG B 144 6.06 -14.31 -19.65
N GLN B 151 3.12 -16.03 -8.88
CA GLN B 151 3.64 -16.15 -10.23
C GLN B 151 3.51 -14.83 -10.98
N TYR B 152 2.52 -14.73 -11.85
CA TYR B 152 2.22 -13.49 -12.55
C TYR B 152 1.23 -12.67 -11.73
N CYS B 153 1.10 -11.39 -12.09
CA CYS B 153 0.20 -10.50 -11.39
C CYS B 153 -1.21 -10.63 -11.97
N THR B 154 -2.15 -9.90 -11.36
CA THR B 154 -3.55 -9.97 -11.77
C THR B 154 -3.72 -9.56 -13.23
N ALA B 155 -3.07 -8.47 -13.64
CA ALA B 155 -3.27 -7.94 -14.99
C ALA B 155 -2.71 -8.88 -16.05
N GLU B 156 -1.56 -9.51 -15.78
CA GLU B 156 -1.00 -10.46 -16.73
C GLU B 156 -1.94 -11.63 -16.97
N VAL B 157 -2.57 -12.13 -15.90
CA VAL B 157 -3.52 -13.22 -16.03
C VAL B 157 -4.70 -12.82 -16.90
N ALA B 158 -5.15 -11.58 -16.76
CA ALA B 158 -6.33 -11.12 -17.51
C ALA B 158 -6.06 -11.05 -19.00
N ILE B 159 -4.81 -10.79 -19.41
CA ILE B 159 -4.47 -10.75 -20.83
C ILE B 159 -4.60 -12.15 -21.43
N ALA B 160 -4.25 -13.18 -20.66
CA ALA B 160 -4.40 -14.55 -21.14
C ALA B 160 -5.87 -14.92 -21.31
N LEU B 161 -6.70 -14.61 -20.31
CA LEU B 161 -8.12 -14.92 -20.39
C LEU B 161 -8.77 -14.25 -21.59
N LEU B 162 -8.43 -12.98 -21.84
CA LEU B 162 -8.97 -12.30 -23.00
C LEU B 162 -8.61 -13.03 -24.29
N ASP B 163 -7.39 -13.57 -24.36
CA ASP B 163 -6.97 -14.31 -25.55
C ASP B 163 -7.74 -15.62 -25.68
N MET B 164 -7.96 -16.32 -24.56
CA MET B 164 -8.71 -17.55 -24.58
C MET B 164 -10.15 -17.33 -25.05
N ALA B 165 -10.70 -16.14 -24.83
CA ALA B 165 -12.06 -15.83 -25.20
C ALA B 165 -12.18 -15.24 -26.60
N GLY B 166 -11.08 -15.02 -27.31
CA GLY B 166 -11.12 -14.46 -28.63
C GLY B 166 -11.10 -12.94 -28.71
N ASP B 167 -10.87 -12.26 -27.60
CA ASP B 167 -10.80 -10.80 -27.55
C ASP B 167 -9.34 -10.38 -27.68
N THR B 168 -8.84 -10.40 -28.91
CA THR B 168 -7.43 -10.10 -29.15
C THR B 168 -7.17 -8.59 -29.17
N GLY B 169 -8.11 -7.82 -29.71
CA GLY B 169 -7.94 -6.37 -29.72
C GLY B 169 -7.80 -5.80 -28.31
N ALA B 170 -8.66 -6.24 -27.39
CA ALA B 170 -8.56 -5.79 -26.01
C ALA B 170 -7.37 -6.42 -25.29
N ALA B 171 -6.99 -7.64 -25.67
CA ALA B 171 -5.84 -8.29 -25.05
C ALA B 171 -4.55 -7.57 -25.40
N ALA B 172 -4.44 -7.06 -26.63
CA ALA B 172 -3.25 -6.32 -27.03
C ALA B 172 -3.23 -4.93 -26.39
N GLY B 173 -4.39 -4.26 -26.36
CA GLY B 173 -4.44 -2.94 -25.75
C GLY B 173 -4.02 -2.96 -24.29
N LEU B 174 -4.55 -3.91 -23.53
CA LEU B 174 -4.09 -4.10 -22.15
C LEU B 174 -2.63 -4.52 -22.09
N GLY B 175 -2.10 -5.09 -23.18
CA GLY B 175 -0.69 -5.42 -23.20
C GLY B 175 0.20 -4.19 -23.19
N GLU B 176 -0.09 -3.23 -24.08
CA GLU B 176 0.67 -1.99 -24.10
C GLU B 176 0.51 -1.22 -22.81
N HIS B 177 -0.72 -1.14 -22.30
CA HIS B 177 -0.97 -0.38 -21.08
C HIS B 177 -0.20 -0.96 -19.90
N PHE B 178 -0.11 -2.29 -19.81
CA PHE B 178 0.64 -2.91 -18.73
C PHE B 178 2.13 -2.63 -18.85
N THR B 179 2.68 -2.72 -20.07
CA THR B 179 4.09 -2.43 -20.26
C THR B 179 4.39 -0.96 -19.99
N ARG B 180 3.51 -0.07 -20.40
CA ARG B 180 3.69 1.35 -20.11
C ARG B 180 3.79 1.61 -18.62
N PHE B 181 2.85 1.05 -17.84
CA PHE B 181 2.87 1.25 -16.40
C PHE B 181 4.14 0.69 -15.78
N LYS B 182 4.53 -0.52 -16.18
CA LYS B 182 5.69 -1.16 -15.58
C LYS B 182 6.97 -0.41 -15.93
N THR B 183 7.05 0.13 -17.15
CA THR B 183 8.25 0.87 -17.53
C THR B 183 8.39 2.16 -16.74
N ARG B 184 7.33 2.97 -16.71
CA ARG B 184 7.38 4.23 -15.98
C ARG B 184 7.44 4.02 -14.47
N TYR B 185 6.95 2.88 -13.98
CA TYR B 185 7.04 2.59 -12.56
C TYR B 185 8.48 2.28 -12.15
N LEU B 186 9.23 1.61 -13.03
CA LEU B 186 10.62 1.30 -12.72
C LEU B 186 11.51 2.53 -12.84
N ALA B 187 11.25 3.38 -13.83
CA ALA B 187 12.06 4.57 -14.05
C ALA B 187 11.95 5.53 -12.85
N GLY B 188 10.72 5.91 -12.50
CA GLY B 188 10.50 6.77 -11.35
C GLY B 188 10.93 6.16 -10.03
N LYS B 189 11.17 4.85 -9.99
CA LYS B 189 11.76 4.21 -8.83
C LYS B 189 13.26 4.47 -8.71
N THR B 190 13.86 5.06 -9.74
CA THR B 190 15.30 5.31 -9.74
C THR B 190 15.60 6.80 -9.93
#